data_5FGO
#
_entry.id   5FGO
#
_cell.length_a   61.460
_cell.length_b   55.530
_cell.length_c   67.840
_cell.angle_alpha   90.00
_cell.angle_beta   95.65
_cell.angle_gamma   90.00
#
_symmetry.space_group_name_H-M   'P 1 21 1'
#
loop_
_entity.id
_entity.type
_entity.pdbx_description
1 polymer 'CG1507-PB, isoform B'
2 non-polymer 'CHLORIDE ION'
3 water water
#
_entity_poly.entity_id   1
_entity_poly.type   'polypeptide(L)'
_entity_poly.pdbx_seq_one_letter_code
;GPLGSDGGRFKGDLPEERH(MSE)KVDNKNFYFDIGQNNRGVY(MSE)RISEVKNNFRTSITIPEKCWIRFRDIFNDYCE
K(MSE)KKSSDSI
;
_entity_poly.pdbx_strand_id   A,B,C,D,E,F
#
loop_
_chem_comp.id
_chem_comp.type
_chem_comp.name
_chem_comp.formula
CL non-polymer 'CHLORIDE ION' 'Cl -1'
#
# COMPACT_ATOMS: atom_id res chain seq x y z
N PRO A 15 27.51 -17.48 5.68
CA PRO A 15 26.53 -17.20 6.74
C PRO A 15 25.52 -18.33 6.81
N GLU A 16 24.81 -18.47 7.92
CA GLU A 16 24.08 -19.72 8.21
C GLU A 16 22.55 -19.68 7.95
N GLU A 17 21.87 -18.72 8.61
CA GLU A 17 20.41 -18.41 8.58
C GLU A 17 19.67 -18.89 9.83
N ARG A 18 18.97 -17.93 10.43
CA ARG A 18 18.28 -18.06 11.71
C ARG A 18 16.79 -17.69 11.77
N HIS A 19 16.17 -17.96 12.91
CA HIS A 19 14.73 -17.80 13.11
C HIS A 19 14.46 -17.27 14.54
N MSE A 20 13.31 -16.64 14.79
CA MSE A 20 12.96 -16.25 16.17
C MSE A 20 11.48 -16.05 16.31
O MSE A 20 10.82 -15.55 15.40
CB MSE A 20 13.69 -14.97 16.56
CG MSE A 20 13.35 -14.40 17.92
SE MSE A 20 14.23 -12.67 18.05
CE MSE A 20 12.88 -11.54 17.26
N LYS A 21 10.94 -16.45 17.46
CA LYS A 21 9.49 -16.42 17.67
C LYS A 21 9.11 -15.47 18.78
N VAL A 22 8.05 -14.68 18.58
CA VAL A 22 7.56 -13.78 19.62
C VAL A 22 6.06 -13.64 19.48
N ASP A 23 5.32 -13.97 20.53
CA ASP A 23 3.86 -13.94 20.47
C ASP A 23 3.39 -14.69 19.22
N ASN A 24 2.66 -13.97 18.36
CA ASN A 24 2.09 -14.53 17.14
C ASN A 24 2.94 -14.33 15.89
N LYS A 25 4.20 -14.00 16.08
CA LYS A 25 5.05 -13.67 14.95
C LYS A 25 6.26 -14.54 14.85
N ASN A 26 6.72 -14.73 13.63
CA ASN A 26 8.00 -15.37 13.42
C ASN A 26 8.85 -14.43 12.58
N PHE A 27 10.12 -14.34 12.94
CA PHE A 27 11.10 -13.61 12.17
C PHE A 27 12.09 -14.60 11.58
N TYR A 28 12.39 -14.46 10.30
CA TYR A 28 13.41 -15.29 9.68
C TYR A 28 14.55 -14.42 9.20
N PHE A 29 15.77 -14.94 9.32
CA PHE A 29 16.90 -14.21 8.84
C PHE A 29 17.58 -15.05 7.79
N ASP A 30 17.54 -14.58 6.55
CA ASP A 30 18.19 -15.35 5.54
C ASP A 30 19.25 -14.55 4.85
N ILE A 31 20.28 -15.26 4.45
CA ILE A 31 21.36 -14.64 3.74
C ILE A 31 21.24 -15.07 2.28
N GLY A 32 21.36 -14.10 1.38
CA GLY A 32 21.23 -14.42 -0.02
C GLY A 32 22.38 -13.75 -0.71
N GLN A 33 22.50 -14.04 -2.00
CA GLN A 33 23.57 -13.49 -2.81
C GLN A 33 23.13 -13.36 -4.25
N ASN A 34 23.47 -12.23 -4.84
CA ASN A 34 23.31 -12.01 -6.27
C ASN A 34 24.66 -11.62 -6.85
N ASN A 35 24.62 -11.14 -8.09
CA ASN A 35 25.81 -10.65 -8.78
C ASN A 35 26.53 -9.49 -8.08
N ARG A 36 25.76 -8.58 -7.48
CA ARG A 36 26.34 -7.43 -6.79
C ARG A 36 26.90 -7.73 -5.42
N GLY A 37 26.43 -8.81 -4.78
CA GLY A 37 26.96 -9.24 -3.51
C GLY A 37 25.97 -9.86 -2.55
N VAL A 38 26.33 -9.90 -1.27
CA VAL A 38 25.55 -10.57 -0.25
C VAL A 38 24.51 -9.65 0.40
N TYR A 39 23.36 -10.20 0.74
CA TYR A 39 22.31 -9.42 1.38
C TYR A 39 21.70 -10.26 2.49
N MSE A 40 21.00 -9.61 3.42
CA MSE A 40 20.30 -10.25 4.53
C MSE A 40 18.83 -9.85 4.45
O MSE A 40 18.54 -8.67 4.41
CB MSE A 40 20.91 -9.86 5.89
CG MSE A 40 20.42 -10.64 7.10
SE MSE A 40 20.33 -9.61 8.80
CE MSE A 40 19.51 -8.08 7.98
N ARG A 41 17.93 -10.82 4.38
CA ARG A 41 16.49 -10.54 4.28
C ARG A 41 15.83 -10.91 5.58
N ILE A 42 15.14 -9.93 6.19
CA ILE A 42 14.41 -10.18 7.41
C ILE A 42 12.91 -10.18 7.15
N SER A 43 12.30 -11.34 7.31
CA SER A 43 10.87 -11.51 7.09
C SER A 43 10.11 -11.51 8.41
N GLU A 44 8.92 -10.92 8.38
CA GLU A 44 7.98 -11.00 9.50
C GLU A 44 6.74 -11.78 9.11
N VAL A 45 6.41 -12.83 9.86
CA VAL A 45 5.19 -13.55 9.54
C VAL A 45 4.26 -13.53 10.74
N LYS A 46 3.11 -12.90 10.59
CA LYS A 46 2.14 -12.92 11.66
C LYS A 46 0.83 -13.24 11.04
N ASN A 47 0.02 -13.98 11.79
CA ASN A 47 -1.20 -14.51 11.26
C ASN A 47 -0.69 -15.24 10.04
N ASN A 48 -1.27 -14.92 8.90
CA ASN A 48 -0.83 -15.51 7.65
C ASN A 48 -0.44 -14.45 6.64
N PHE A 49 0.16 -13.39 7.14
CA PHE A 49 0.77 -12.38 6.27
C PHE A 49 2.26 -12.33 6.52
N ARG A 50 3.01 -11.94 5.51
CA ARG A 50 4.45 -11.85 5.62
C ARG A 50 4.96 -10.61 4.92
N THR A 51 5.91 -9.95 5.57
CA THR A 51 6.60 -8.82 4.96
C THR A 51 8.08 -9.01 5.19
N SER A 52 8.90 -8.40 4.37
CA SER A 52 10.32 -8.54 4.54
C SER A 52 11.04 -7.27 4.11
N ILE A 53 12.23 -7.06 4.67
CA ILE A 53 13.11 -6.00 4.24
C ILE A 53 14.41 -6.68 3.89
N THR A 54 15.17 -6.10 2.99
CA THR A 54 16.38 -6.74 2.53
C THR A 54 17.52 -5.76 2.64
N ILE A 55 18.57 -6.18 3.33
CA ILE A 55 19.68 -5.29 3.64
C ILE A 55 20.97 -5.75 3.02
N PRO A 56 21.52 -4.94 2.13
CA PRO A 56 22.79 -5.35 1.52
C PRO A 56 23.94 -5.29 2.55
N GLU A 57 24.91 -6.17 2.37
CA GLU A 57 26.05 -6.33 3.26
C GLU A 57 26.79 -5.01 3.55
N LYS A 58 26.90 -4.13 2.55
CA LYS A 58 27.70 -2.91 2.69
C LYS A 58 27.16 -1.98 3.77
N CYS A 59 26.03 -2.33 4.35
CA CYS A 59 25.46 -1.48 5.38
C CYS A 59 25.05 -2.23 6.62
N TRP A 60 25.52 -3.48 6.75
CA TRP A 60 25.22 -4.27 7.95
C TRP A 60 25.75 -3.58 9.21
N ILE A 61 26.95 -3.02 9.15
CA ILE A 61 27.49 -2.36 10.33
C ILE A 61 26.67 -1.14 10.74
N ARG A 62 26.44 -0.24 9.80
CA ARG A 62 25.65 0.94 10.10
C ARG A 62 24.27 0.56 10.64
N PHE A 63 23.64 -0.44 10.01
CA PHE A 63 22.33 -0.97 10.44
C PHE A 63 22.40 -1.56 11.88
N ARG A 64 23.46 -2.31 12.16
CA ARG A 64 23.70 -2.79 13.52
C ARG A 64 23.82 -1.68 14.55
N ASP A 65 24.56 -0.63 14.20
CA ASP A 65 24.79 0.43 15.17
C ASP A 65 23.51 1.19 15.48
N ILE A 66 22.76 1.48 14.43
CA ILE A 66 21.51 2.16 14.62
C ILE A 66 20.61 1.33 15.53
N PHE A 67 20.55 0.03 15.27
CA PHE A 67 19.70 -0.82 16.09
C PHE A 67 20.23 -0.83 17.50
N ASN A 68 21.54 -0.96 17.64
CA ASN A 68 22.13 -0.98 18.98
C ASN A 68 21.89 0.30 19.78
N ASP A 69 21.92 1.46 19.11
CA ASP A 69 21.64 2.73 19.76
C ASP A 69 20.23 2.71 20.37
N TYR A 70 19.29 2.11 19.65
CA TYR A 70 17.92 1.96 20.15
C TYR A 70 17.93 1.05 21.36
N CYS A 71 18.75 0.02 21.32
CA CYS A 71 18.84 -0.84 22.50
C CYS A 71 19.49 -0.12 23.66
N GLU A 72 20.24 0.93 23.38
CA GLU A 72 20.89 1.66 24.46
C GLU A 72 19.94 2.62 25.16
N LYS A 73 18.86 3.04 24.50
CA LYS A 73 17.90 3.97 25.07
C LYS A 73 16.85 3.30 25.95
N MSE A 74 16.79 1.96 25.99
CA MSE A 74 15.62 1.33 26.63
C MSE A 74 15.68 1.36 28.16
O MSE A 74 16.75 1.47 28.75
CB MSE A 74 15.40 -0.11 26.14
CG MSE A 74 16.60 -0.99 25.79
SE MSE A 74 16.02 -2.72 24.95
CE MSE A 74 17.73 -3.42 24.58
N LYS A 75 14.49 1.28 28.79
CA LYS A 75 14.33 1.44 30.23
C LYS A 75 13.71 0.20 30.93
N LYS A 76 13.07 0.47 32.07
CA LYS A 76 12.26 -0.48 32.82
C LYS A 76 11.33 0.26 33.78
N GLY B 12 8.95 7.55 29.95
CA GLY B 12 9.42 8.77 29.33
C GLY B 12 8.99 8.84 27.89
N ASP B 13 9.60 9.74 27.10
CA ASP B 13 9.20 9.85 25.72
C ASP B 13 9.93 8.76 24.99
N LEU B 14 9.57 8.53 23.74
CA LEU B 14 10.23 7.47 22.98
C LEU B 14 11.47 7.98 22.28
N PRO B 15 12.41 7.08 21.99
CA PRO B 15 13.58 7.40 21.15
C PRO B 15 13.17 8.09 19.84
N GLU B 16 14.07 8.79 19.17
CA GLU B 16 13.62 9.66 18.08
C GLU B 16 13.84 8.93 16.74
N GLU B 17 13.34 9.51 15.65
CA GLU B 17 13.37 8.89 14.33
C GLU B 17 14.77 8.79 13.75
N ARG B 18 15.08 7.71 13.06
CA ARG B 18 16.38 7.63 12.42
C ARG B 18 16.33 7.11 10.98
N HIS B 19 17.36 7.39 10.22
CA HIS B 19 17.34 7.12 8.80
C HIS B 19 18.67 6.59 8.25
N MSE B 20 18.62 5.70 7.27
CA MSE B 20 19.85 5.21 6.64
C MSE B 20 19.67 5.22 5.13
O MSE B 20 18.56 5.06 4.66
CB MSE B 20 20.21 3.79 7.12
CG MSE B 20 21.50 3.23 6.52
SE MSE B 20 21.96 1.46 7.21
CE MSE B 20 20.38 1.37 8.32
N LYS B 21 20.75 5.42 4.40
CA LYS B 21 20.69 5.41 2.93
C LYS B 21 21.63 4.38 2.38
N VAL B 22 21.16 3.59 1.44
CA VAL B 22 22.01 2.61 0.78
C VAL B 22 21.47 2.35 -0.61
N ASP B 23 22.37 2.36 -1.59
CA ASP B 23 22.06 2.18 -2.99
C ASP B 23 20.92 3.11 -3.42
N ASN B 24 19.83 2.55 -3.93
CA ASN B 24 18.71 3.40 -4.32
C ASN B 24 17.56 3.36 -3.33
N LYS B 25 17.79 2.87 -2.11
CA LYS B 25 16.68 2.80 -1.16
C LYS B 25 16.98 3.46 0.16
N ASN B 26 15.91 3.81 0.88
CA ASN B 26 16.05 4.38 2.19
C ASN B 26 15.43 3.53 3.30
N PHE B 27 16.10 3.46 4.44
CA PHE B 27 15.56 2.79 5.62
C PHE B 27 15.16 3.76 6.73
N TYR B 28 13.97 3.56 7.29
CA TYR B 28 13.54 4.38 8.42
C TYR B 28 13.28 3.58 9.65
N PHE B 29 13.61 4.15 10.80
CA PHE B 29 13.41 3.53 12.11
C PHE B 29 12.55 4.43 12.95
N ASP B 30 11.35 4.00 13.30
CA ASP B 30 10.55 4.77 14.24
C ASP B 30 9.98 3.94 15.38
N ILE B 31 9.79 4.58 16.52
CA ILE B 31 9.27 3.91 17.69
C ILE B 31 7.79 4.26 17.95
N GLY B 32 7.00 3.26 18.32
CA GLY B 32 5.62 3.50 18.70
C GLY B 32 5.20 2.62 19.86
N GLN B 33 4.00 2.85 20.39
CA GLN B 33 3.53 2.01 21.47
C GLN B 33 2.00 1.90 21.49
N ASN B 34 1.49 0.71 21.70
CA ASN B 34 0.06 0.50 21.96
C ASN B 34 -0.14 -0.29 23.25
N ASN B 35 -1.34 -0.81 23.47
CA ASN B 35 -1.61 -1.58 24.69
C ASN B 35 -0.70 -2.80 24.90
N ARG B 36 -0.33 -3.51 23.85
CA ARG B 36 0.59 -4.60 24.06
C ARG B 36 2.02 -4.08 24.23
N GLY B 37 2.30 -2.87 23.78
CA GLY B 37 3.59 -2.30 24.12
C GLY B 37 4.35 -1.48 23.11
N VAL B 38 5.65 -1.37 23.38
CA VAL B 38 6.56 -0.58 22.56
C VAL B 38 7.18 -1.42 21.42
N TYR B 39 7.26 -0.83 20.24
CA TYR B 39 7.81 -1.55 19.10
C TYR B 39 8.69 -0.65 18.22
N MSE B 40 9.51 -1.30 17.39
CA MSE B 40 10.33 -0.64 16.39
C MSE B 40 9.86 -1.03 14.97
O MSE B 40 9.85 -2.20 14.62
CB MSE B 40 11.80 -1.00 16.56
CG MSE B 40 12.73 -0.18 15.67
SE MSE B 40 14.51 -0.89 15.48
CE MSE B 40 14.92 -0.86 17.36
N ARG B 41 9.46 -0.03 14.19
CA ARG B 41 9.12 -0.27 12.80
C ARG B 41 10.33 0.06 11.94
N ILE B 42 10.77 -0.90 11.13
CA ILE B 42 11.85 -0.61 10.22
C ILE B 42 11.26 -0.63 8.80
N SER B 43 11.26 0.53 8.15
CA SER B 43 10.67 0.61 6.82
C SER B 43 11.69 0.60 5.71
N GLU B 44 11.34 -0.07 4.62
CA GLU B 44 12.16 -0.02 3.44
C GLU B 44 11.31 0.75 2.42
N VAL B 45 11.87 1.87 1.99
CA VAL B 45 11.19 2.79 1.10
C VAL B 45 12.03 3.08 -0.12
N LYS B 46 11.47 2.87 -1.28
CA LYS B 46 12.12 3.20 -2.55
C LYS B 46 11.24 4.24 -3.21
N ASN B 47 11.65 4.71 -4.38
CA ASN B 47 10.94 5.82 -5.03
C ASN B 47 9.42 5.78 -4.95
N ASN B 48 8.88 4.56 -5.05
CA ASN B 48 7.46 4.35 -5.05
C ASN B 48 7.13 2.93 -4.53
N PHE B 49 8.03 2.37 -3.73
CA PHE B 49 7.68 1.15 -2.98
C PHE B 49 7.90 1.28 -1.48
N ARG B 50 7.04 0.63 -0.70
CA ARG B 50 7.15 0.72 0.74
C ARG B 50 6.72 -0.55 1.45
N THR B 51 7.60 -1.11 2.27
CA THR B 51 7.27 -2.25 3.13
C THR B 51 7.98 -2.07 4.47
N SER B 52 7.52 -2.73 5.51
CA SER B 52 8.11 -2.57 6.83
C SER B 52 8.00 -3.84 7.67
N ILE B 53 8.79 -3.90 8.73
CA ILE B 53 8.60 -4.90 9.78
C ILE B 53 8.44 -4.25 11.14
N THR B 54 7.79 -4.96 12.05
CA THR B 54 7.50 -4.45 13.36
C THR B 54 8.02 -5.40 14.43
N ILE B 55 8.91 -4.87 15.28
CA ILE B 55 9.61 -5.63 16.27
C ILE B 55 9.21 -5.13 17.62
N PRO B 56 8.62 -6.00 18.44
CA PRO B 56 8.22 -5.64 19.81
C PRO B 56 9.48 -5.46 20.64
N GLU B 57 9.45 -4.55 21.61
CA GLU B 57 10.62 -4.27 22.45
C GLU B 57 11.20 -5.51 23.12
N LYS B 58 10.35 -6.43 23.59
CA LYS B 58 10.84 -7.58 24.36
C LYS B 58 11.83 -8.46 23.61
N CYS B 59 12.12 -8.14 22.36
CA CYS B 59 13.10 -8.94 21.65
C CYS B 59 14.15 -8.11 20.91
N TRP B 60 14.26 -6.84 21.25
CA TRP B 60 15.30 -5.99 20.66
C TRP B 60 16.70 -6.57 20.91
N ILE B 61 16.95 -7.09 22.11
CA ILE B 61 18.25 -7.67 22.43
C ILE B 61 18.55 -8.91 21.58
N ARG B 62 17.58 -9.82 21.53
CA ARG B 62 17.71 -11.02 20.70
C ARG B 62 18.08 -10.65 19.26
N PHE B 63 17.41 -9.62 18.75
CA PHE B 63 17.70 -9.06 17.44
C PHE B 63 19.12 -8.51 17.29
N ARG B 64 19.51 -7.68 18.26
CA ARG B 64 20.80 -7.05 18.27
C ARG B 64 21.91 -8.13 18.25
N ASP B 65 21.69 -9.22 18.99
CA ASP B 65 22.67 -10.32 19.09
C ASP B 65 22.82 -11.02 17.75
N ILE B 66 21.70 -11.29 17.10
CA ILE B 66 21.76 -11.90 15.79
C ILE B 66 22.60 -11.00 14.87
N PHE B 67 22.39 -9.70 14.98
CA PHE B 67 23.17 -8.80 14.16
C PHE B 67 24.67 -8.77 14.40
N ASN B 68 25.07 -8.78 15.67
CA ASN B 68 26.49 -8.82 16.00
C ASN B 68 27.09 -10.08 15.39
N ASP B 69 26.34 -11.18 15.47
CA ASP B 69 26.77 -12.45 14.94
C ASP B 69 27.00 -12.40 13.45
N TYR B 70 26.09 -11.74 12.74
CA TYR B 70 26.27 -11.57 11.31
C TYR B 70 27.43 -10.61 11.02
N CYS B 71 27.55 -9.54 11.81
CA CYS B 71 28.64 -8.57 11.60
C CYS B 71 30.06 -9.05 11.92
N GLU B 72 30.17 -9.98 12.87
CA GLU B 72 31.47 -10.53 13.26
C GLU B 72 31.96 -11.55 12.27
N LYS B 73 31.01 -12.09 11.53
CA LYS B 73 31.26 -13.19 10.61
C LYS B 73 31.40 -12.65 9.19
N MSE B 74 31.58 -11.34 9.08
CA MSE B 74 31.84 -10.69 7.80
C MSE B 74 33.28 -10.81 7.34
O MSE B 74 34.23 -10.72 8.14
CB MSE B 74 31.48 -9.20 7.86
CG MSE B 74 30.01 -8.91 7.79
SE MSE B 74 29.71 -7.02 8.05
CE MSE B 74 29.45 -6.51 6.23
N LYS B 75 33.43 -10.94 6.03
CA LYS B 75 34.71 -11.08 5.36
C LYS B 75 35.55 -9.79 5.38
N LYS B 76 35.81 -9.25 6.58
CA LYS B 76 36.65 -8.06 6.74
C LYS B 76 38.03 -8.21 6.09
N PRO C 15 14.34 10.17 -28.90
CA PRO C 15 13.27 9.39 -28.27
C PRO C 15 12.02 10.22 -28.02
N GLU C 16 10.87 9.55 -27.90
CA GLU C 16 9.64 10.29 -27.79
C GLU C 16 8.80 9.62 -26.75
N GLU C 17 8.37 10.41 -25.77
CA GLU C 17 7.58 9.89 -24.67
C GLU C 17 6.24 9.35 -25.16
N ARG C 18 5.79 8.31 -24.45
CA ARG C 18 4.53 7.64 -24.69
C ARG C 18 3.61 8.09 -23.57
N HIS C 19 2.86 9.15 -23.84
CA HIS C 19 2.10 9.81 -22.79
C HIS C 19 0.68 10.28 -23.22
N MSE C 20 -0.28 10.24 -22.30
CA MSE C 20 -1.69 10.42 -22.61
C MSE C 20 -2.37 11.31 -21.56
O MSE C 20 -2.27 11.06 -20.36
CB MSE C 20 -2.38 9.05 -22.66
CG MSE C 20 -3.42 8.86 -23.75
SE MSE C 20 -4.87 7.66 -23.14
CE MSE C 20 -5.55 8.89 -21.80
N LYS C 21 -3.07 12.35 -22.00
CA LYS C 21 -3.78 13.22 -21.06
C LYS C 21 -5.28 12.97 -21.16
N VAL C 22 -5.94 12.88 -20.01
CA VAL C 22 -7.39 12.78 -19.99
C VAL C 22 -7.84 13.45 -18.71
N ASP C 23 -8.73 14.43 -18.86
CA ASP C 23 -9.20 15.23 -17.75
C ASP C 23 -8.01 15.77 -16.96
N ASN C 24 -7.94 15.41 -15.68
CA ASN C 24 -6.87 15.86 -14.80
C ASN C 24 -5.78 14.82 -14.59
N LYS C 25 -5.78 13.79 -15.43
CA LYS C 25 -4.95 12.64 -15.18
C LYS C 25 -3.93 12.46 -16.29
N ASN C 26 -2.76 11.92 -15.95
CA ASN C 26 -1.74 11.63 -16.94
C ASN C 26 -1.39 10.17 -16.95
N PHE C 27 -1.19 9.60 -18.12
CA PHE C 27 -0.68 8.26 -18.21
C PHE C 27 0.65 8.21 -18.91
N TYR C 28 1.60 7.51 -18.32
CA TYR C 28 2.84 7.25 -19.00
C TYR C 28 3.00 5.73 -19.18
N PHE C 29 3.58 5.36 -20.33
CA PHE C 29 3.89 3.99 -20.70
C PHE C 29 5.38 3.82 -20.92
N ASP C 30 6.07 3.06 -20.06
CA ASP C 30 7.48 2.85 -20.32
C ASP C 30 7.81 1.38 -20.38
N ILE C 31 8.69 1.04 -21.30
CA ILE C 31 9.12 -0.34 -21.45
C ILE C 31 10.53 -0.51 -20.93
N GLY C 32 10.72 -1.58 -20.18
CA GLY C 32 12.00 -1.84 -19.58
C GLY C 32 12.36 -3.29 -19.68
N GLN C 33 13.54 -3.61 -19.19
CA GLN C 33 14.06 -4.95 -19.23
C GLN C 33 14.84 -5.24 -17.98
N ASN C 34 14.60 -6.39 -17.42
CA ASN C 34 15.37 -6.86 -16.30
C ASN C 34 15.94 -8.23 -16.66
N ASN C 35 16.51 -8.90 -15.68
CA ASN C 35 17.04 -10.25 -15.87
C ASN C 35 15.97 -11.22 -16.35
N ARG C 36 14.77 -11.05 -15.80
CA ARG C 36 13.63 -11.93 -16.09
C ARG C 36 13.01 -11.70 -17.47
N GLY C 37 13.22 -10.51 -18.02
CA GLY C 37 12.76 -10.23 -19.36
C GLY C 37 12.21 -8.84 -19.56
N VAL C 38 11.41 -8.68 -20.60
CA VAL C 38 10.83 -7.40 -20.93
C VAL C 38 9.48 -7.21 -20.22
N TYR C 39 9.20 -5.98 -19.83
CA TYR C 39 7.96 -5.66 -19.15
C TYR C 39 7.46 -4.32 -19.63
N MSE C 40 6.25 -3.94 -19.27
CA MSE C 40 5.88 -2.56 -19.43
CA MSE C 40 5.84 -2.57 -19.48
C MSE C 40 5.14 -2.03 -18.25
O MSE C 40 4.21 -2.67 -17.71
CB MSE C 40 5.06 -2.31 -20.68
CB MSE C 40 4.98 -2.45 -20.74
CG MSE C 40 5.05 -0.84 -20.94
CG MSE C 40 3.48 -2.62 -20.58
SE MSE C 40 3.92 -0.15 -22.28
SE MSE C 40 2.54 -1.27 -21.62
CE MSE C 40 2.24 -0.84 -21.60
CE MSE C 40 4.01 0.02 -21.71
N ARG C 41 5.59 -0.84 -17.83
CA ARG C 41 5.09 -0.10 -16.70
C ARG C 41 4.15 0.97 -17.22
N ILE C 42 2.94 0.98 -16.68
CA ILE C 42 1.96 2.01 -16.97
C ILE C 42 1.75 2.87 -15.73
N SER C 43 2.13 4.14 -15.81
CA SER C 43 1.99 5.05 -14.68
C SER C 43 0.81 5.97 -14.82
N GLU C 44 0.19 6.25 -13.69
CA GLU C 44 -0.84 7.25 -13.58
C GLU C 44 -0.39 8.40 -12.67
N VAL C 45 -0.41 9.64 -13.17
CA VAL C 45 -0.04 10.80 -12.40
C VAL C 45 -1.22 11.77 -12.37
N LYS C 46 -1.70 12.06 -11.17
CA LYS C 46 -2.76 13.02 -10.97
C LYS C 46 -2.44 13.80 -9.71
N ASN C 47 -2.79 15.10 -9.72
CA ASN C 47 -2.38 16.03 -8.68
C ASN C 47 -1.02 15.69 -8.12
N ASN C 48 -0.95 15.41 -6.83
CA ASN C 48 0.33 15.08 -6.22
C ASN C 48 0.52 13.61 -5.89
N PHE C 49 -0.26 12.72 -6.52
CA PHE C 49 0.00 11.28 -6.40
C PHE C 49 0.19 10.54 -7.72
N ARG C 50 0.92 9.42 -7.65
CA ARG C 50 1.25 8.58 -8.80
C ARG C 50 1.23 7.11 -8.44
N THR C 51 0.66 6.29 -9.32
CA THR C 51 0.68 4.84 -9.16
C THR C 51 1.04 4.21 -10.47
N SER C 52 1.51 2.98 -10.43
CA SER C 52 1.85 2.31 -11.66
C SER C 52 1.62 0.80 -11.55
N ILE C 53 1.41 0.13 -12.67
CA ILE C 53 1.40 -1.32 -12.69
C ILE C 53 2.44 -1.77 -13.70
N THR C 54 2.98 -2.96 -13.51
CA THR C 54 4.08 -3.42 -14.35
C THR C 54 3.69 -4.75 -14.96
N ILE C 55 3.65 -4.81 -16.28
CA ILE C 55 3.17 -5.98 -16.98
C ILE C 55 4.25 -6.62 -17.82
N PRO C 56 4.59 -7.88 -17.51
CA PRO C 56 5.61 -8.64 -18.23
C PRO C 56 5.18 -8.98 -19.65
N GLU C 57 6.17 -9.08 -20.54
CA GLU C 57 5.97 -9.29 -21.96
C GLU C 57 5.10 -10.51 -22.20
N LYS C 58 5.33 -11.57 -21.44
CA LYS C 58 4.62 -12.81 -21.67
C LYS C 58 3.12 -12.73 -21.46
N CYS C 59 2.58 -11.61 -21.00
CA CYS C 59 1.13 -11.58 -20.85
C CYS C 59 0.52 -10.33 -21.45
N TRP C 60 1.29 -9.66 -22.31
CA TRP C 60 0.78 -8.51 -23.05
C TRP C 60 -0.45 -8.81 -23.91
N ILE C 61 -0.43 -9.94 -24.62
CA ILE C 61 -1.54 -10.33 -25.48
C ILE C 61 -2.81 -10.55 -24.65
N ARG C 62 -2.69 -11.36 -23.60
CA ARG C 62 -3.80 -11.62 -22.70
C ARG C 62 -4.44 -10.32 -22.15
N PHE C 63 -3.58 -9.36 -21.78
CA PHE C 63 -4.01 -8.03 -21.36
C PHE C 63 -4.79 -7.28 -22.45
N ARG C 64 -4.25 -7.31 -23.66
CA ARG C 64 -4.87 -6.72 -24.84
C ARG C 64 -6.27 -7.30 -25.04
N ASP C 65 -6.38 -8.61 -24.92
CA ASP C 65 -7.67 -9.24 -25.09
C ASP C 65 -8.63 -8.90 -23.97
N ILE C 66 -8.18 -8.97 -22.72
CA ILE C 66 -9.12 -8.66 -21.67
C ILE C 66 -9.64 -7.24 -21.84
N PHE C 67 -8.71 -6.34 -22.14
CA PHE C 67 -8.99 -4.95 -22.31
C PHE C 67 -9.98 -4.74 -23.47
N ASN C 68 -9.72 -5.43 -24.59
CA ASN C 68 -10.60 -5.39 -25.74
C ASN C 68 -12.00 -5.93 -25.45
N ASP C 69 -12.13 -7.00 -24.65
CA ASP C 69 -13.46 -7.50 -24.30
C ASP C 69 -14.24 -6.40 -23.60
N TYR C 70 -13.58 -5.62 -22.74
CA TYR C 70 -14.31 -4.55 -22.09
C TYR C 70 -14.78 -3.49 -23.07
N CYS C 71 -13.94 -3.17 -24.06
CA CYS C 71 -14.28 -2.16 -25.06
C CYS C 71 -15.41 -2.60 -25.98
N GLU C 72 -15.56 -3.91 -26.16
CA GLU C 72 -16.64 -4.47 -26.95
C GLU C 72 -17.95 -4.54 -26.17
N LYS C 73 -17.84 -4.65 -24.86
CA LYS C 73 -19.01 -4.85 -24.03
C LYS C 73 -19.75 -3.54 -23.78
N MSE C 74 -19.05 -2.42 -23.91
CA MSE C 74 -19.71 -1.12 -23.84
C MSE C 74 -20.27 -0.78 -25.23
O MSE C 74 -20.66 0.34 -25.50
CB MSE C 74 -18.75 -0.05 -23.33
CG MSE C 74 -18.13 -0.36 -21.96
SE MSE C 74 -19.35 -0.31 -20.42
CE MSE C 74 -19.64 1.61 -20.29
N LYS C 75 -20.31 -1.82 -26.08
CA LYS C 75 -20.76 -1.80 -27.48
C LYS C 75 -19.77 -1.12 -28.43
N PHE D 10 -31.34 5.95 -13.10
CA PHE D 10 -30.47 4.84 -12.72
C PHE D 10 -30.29 3.90 -13.91
N LYS D 11 -29.15 3.21 -13.99
CA LYS D 11 -28.88 2.40 -15.18
C LYS D 11 -28.64 0.90 -14.93
N GLY D 12 -28.44 0.19 -16.03
CA GLY D 12 -28.24 -1.26 -16.03
C GLY D 12 -26.85 -1.70 -15.62
N ASP D 13 -26.51 -2.95 -15.90
CA ASP D 13 -25.26 -3.48 -15.42
C ASP D 13 -24.03 -3.21 -16.28
N LEU D 14 -22.91 -3.07 -15.59
CA LEU D 14 -21.60 -2.91 -16.19
C LEU D 14 -20.99 -4.28 -16.39
N PRO D 15 -20.06 -4.43 -17.33
CA PRO D 15 -19.31 -5.69 -17.48
C PRO D 15 -18.73 -6.20 -16.14
N GLU D 16 -18.41 -7.49 -16.03
CA GLU D 16 -18.05 -7.97 -14.69
C GLU D 16 -16.55 -7.99 -14.45
N GLU D 17 -16.17 -8.28 -13.22
CA GLU D 17 -14.77 -8.26 -12.84
C GLU D 17 -13.98 -9.32 -13.57
N ARG D 18 -12.75 -9.02 -13.91
CA ARG D 18 -11.93 -10.04 -14.53
C ARG D 18 -10.58 -10.15 -13.87
N HIS D 19 -9.92 -11.26 -14.14
CA HIS D 19 -8.71 -11.58 -13.43
C HIS D 19 -7.67 -12.11 -14.39
N MSE D 20 -6.41 -11.86 -14.08
CA MSE D 20 -5.31 -12.36 -14.88
C MSE D 20 -4.12 -12.57 -13.97
O MSE D 20 -3.67 -11.64 -13.31
CB MSE D 20 -4.97 -11.40 -16.03
CG MSE D 20 -3.85 -11.86 -16.93
SE MSE D 20 -3.23 -10.44 -18.14
CE MSE D 20 -2.23 -9.31 -16.93
N LYS D 21 -3.64 -13.80 -13.93
CA LYS D 21 -2.52 -14.21 -13.10
C LYS D 21 -1.24 -14.43 -13.90
N VAL D 22 -0.13 -13.91 -13.39
CA VAL D 22 1.17 -14.14 -14.01
C VAL D 22 2.26 -14.14 -12.94
N ASP D 23 3.07 -15.19 -12.94
CA ASP D 23 4.12 -15.34 -11.93
C ASP D 23 3.57 -15.17 -10.54
N ASN D 24 4.05 -14.17 -9.81
CA ASN D 24 3.59 -14.01 -8.45
C ASN D 24 2.51 -12.94 -8.34
N LYS D 25 1.97 -12.53 -9.48
CA LYS D 25 1.03 -11.41 -9.52
C LYS D 25 -0.39 -11.79 -9.96
N ASN D 26 -1.36 -11.08 -9.40
CA ASN D 26 -2.72 -11.14 -9.83
C ASN D 26 -3.14 -9.80 -10.34
N PHE D 27 -3.80 -9.78 -11.49
CA PHE D 27 -4.36 -8.54 -11.98
C PHE D 27 -5.87 -8.65 -11.92
N TYR D 28 -6.50 -7.58 -11.43
CA TYR D 28 -7.94 -7.47 -11.41
C TYR D 28 -8.42 -6.28 -12.23
N PHE D 29 -9.53 -6.48 -12.92
CA PHE D 29 -10.19 -5.42 -13.70
C PHE D 29 -11.62 -5.32 -13.24
N ASP D 30 -12.03 -4.18 -12.67
CA ASP D 30 -13.43 -3.99 -12.29
C ASP D 30 -13.97 -2.69 -12.88
N ILE D 31 -15.25 -2.68 -13.23
CA ILE D 31 -15.87 -1.51 -13.85
C ILE D 31 -16.76 -0.74 -12.88
N GLY D 32 -16.59 0.57 -12.87
CA GLY D 32 -17.38 1.40 -12.00
C GLY D 32 -17.75 2.72 -12.64
N GLN D 33 -18.53 3.49 -11.92
CA GLN D 33 -18.94 4.80 -12.41
C GLN D 33 -19.12 5.82 -11.29
N ASN D 34 -18.66 7.03 -11.59
CA ASN D 34 -18.87 8.18 -10.73
C ASN D 34 -19.57 9.26 -11.53
N ASN D 35 -19.67 10.44 -10.95
CA ASN D 35 -20.30 11.58 -11.61
C ASN D 35 -19.66 11.95 -12.97
N ARG D 36 -18.35 11.73 -13.14
CA ARG D 36 -17.65 11.99 -14.43
C ARG D 36 -17.94 10.92 -15.49
N GLY D 37 -18.30 9.72 -15.08
CA GLY D 37 -18.64 8.70 -16.04
C GLY D 37 -18.14 7.32 -15.64
N VAL D 38 -18.05 6.44 -16.62
CA VAL D 38 -17.61 5.07 -16.40
C VAL D 38 -16.09 4.99 -16.49
N TYR D 39 -15.53 4.14 -15.64
CA TYR D 39 -14.09 3.98 -15.60
C TYR D 39 -13.69 2.54 -15.41
N MSE D 40 -12.47 2.22 -15.84
CA MSE D 40 -11.88 0.92 -15.58
C MSE D 40 -10.76 1.02 -14.54
O MSE D 40 -9.74 1.67 -14.76
CB MSE D 40 -11.37 0.28 -16.87
CG MSE D 40 -10.41 -0.86 -16.64
SE MSE D 40 -10.01 -1.68 -18.29
CE MSE D 40 -8.21 -1.98 -18.28
N ARG D 41 -10.97 0.36 -13.41
CA ARG D 41 -9.93 0.20 -12.40
C ARG D 41 -9.16 -1.09 -12.57
N ILE D 42 -7.85 -0.95 -12.75
CA ILE D 42 -6.95 -2.09 -12.86
C ILE D 42 -6.02 -2.18 -11.67
N SER D 43 -6.18 -3.24 -10.89
CA SER D 43 -5.36 -3.44 -9.72
C SER D 43 -4.27 -4.48 -9.96
N GLU D 44 -3.10 -4.23 -9.38
CA GLU D 44 -2.06 -5.23 -9.37
C GLU D 44 -1.80 -5.64 -7.92
N VAL D 45 -1.89 -6.94 -7.64
CA VAL D 45 -1.74 -7.43 -6.29
C VAL D 45 -0.60 -8.42 -6.18
N LYS D 46 0.38 -8.08 -5.33
CA LYS D 46 1.49 -8.98 -5.04
C LYS D 46 2.02 -8.83 -3.60
N ASN D 47 2.54 -9.92 -3.03
CA ASN D 47 2.98 -9.98 -1.64
C ASN D 47 2.02 -9.26 -0.69
N ASN D 48 0.73 -9.52 -0.88
CA ASN D 48 -0.33 -8.94 -0.06
C ASN D 48 -0.36 -7.43 -0.22
N PHE D 49 0.19 -6.95 -1.33
CA PHE D 49 0.13 -5.53 -1.62
C PHE D 49 -0.77 -5.26 -2.83
N ARG D 50 -1.39 -4.09 -2.80
CA ARG D 50 -2.29 -3.72 -3.84
C ARG D 50 -2.10 -2.28 -4.25
N THR D 51 -2.04 -2.08 -5.55
CA THR D 51 -2.04 -0.76 -6.12
C THR D 51 -2.90 -0.79 -7.37
N SER D 52 -3.35 0.37 -7.83
CA SER D 52 -4.26 0.45 -8.94
C SER D 52 -4.05 1.70 -9.80
N ILE D 53 -4.49 1.65 -11.06
CA ILE D 53 -4.66 2.84 -11.91
C ILE D 53 -6.10 2.86 -12.41
N THR D 54 -6.64 4.02 -12.74
CA THR D 54 -8.05 4.09 -13.05
C THR D 54 -8.30 4.80 -14.37
N ILE D 55 -8.93 4.11 -15.32
CA ILE D 55 -9.03 4.67 -16.67
C ILE D 55 -10.46 4.94 -17.07
N PRO D 56 -10.77 6.20 -17.38
CA PRO D 56 -12.14 6.54 -17.80
C PRO D 56 -12.54 6.01 -19.18
N GLU D 57 -13.82 5.66 -19.33
CA GLU D 57 -14.31 5.11 -20.58
C GLU D 57 -13.94 5.95 -21.78
N LYS D 58 -13.92 7.28 -21.62
CA LYS D 58 -13.73 8.14 -22.80
C LYS D 58 -12.38 7.97 -23.46
N CYS D 59 -11.47 7.22 -22.84
CA CYS D 59 -10.16 7.04 -23.45
C CYS D 59 -9.67 5.59 -23.49
N TRP D 60 -10.57 4.62 -23.32
CA TRP D 60 -10.16 3.23 -23.41
C TRP D 60 -9.55 2.89 -24.79
N ILE D 61 -10.15 3.39 -25.86
CA ILE D 61 -9.65 3.01 -27.17
C ILE D 61 -8.24 3.55 -27.37
N ARG D 62 -8.09 4.85 -27.10
CA ARG D 62 -6.82 5.55 -27.22
C ARG D 62 -5.78 4.88 -26.34
N PHE D 63 -6.19 4.54 -25.13
CA PHE D 63 -5.32 3.82 -24.21
C PHE D 63 -4.87 2.51 -24.82
N ARG D 64 -5.82 1.72 -25.32
CA ARG D 64 -5.58 0.45 -25.98
C ARG D 64 -4.67 0.55 -27.19
N ASP D 65 -4.89 1.58 -28.01
CA ASP D 65 -4.10 1.75 -29.21
C ASP D 65 -2.64 2.04 -28.89
N ILE D 66 -2.40 2.93 -27.92
CA ILE D 66 -1.02 3.23 -27.48
C ILE D 66 -0.31 1.96 -27.04
N PHE D 67 -1.01 1.13 -26.27
CA PHE D 67 -0.45 -0.14 -25.82
C PHE D 67 -0.05 -0.98 -27.02
N ASN D 68 -0.95 -1.16 -27.99
CA ASN D 68 -0.60 -1.91 -29.19
C ASN D 68 0.47 -1.27 -30.06
N ASP D 69 0.31 0.02 -30.32
CA ASP D 69 1.28 0.73 -31.15
C ASP D 69 2.65 0.67 -30.48
N TYR D 70 2.70 0.75 -29.15
CA TYR D 70 3.95 0.64 -28.40
C TYR D 70 4.58 -0.75 -28.55
N CYS D 71 3.76 -1.80 -28.48
N CYS D 71 3.72 -1.76 -28.51
CA CYS D 71 4.26 -3.16 -28.20
CA CYS D 71 4.15 -3.14 -28.68
C CYS D 71 5.29 -3.76 -29.17
C CYS D 71 4.54 -3.43 -30.14
N GLU D 72 4.83 -4.44 -30.22
N GLU D 72 4.95 -2.39 -30.86
CA GLU D 72 5.77 -5.14 -31.11
CA GLU D 72 5.46 -2.52 -32.22
C GLU D 72 6.57 -4.18 -31.99
C GLU D 72 6.90 -2.99 -32.10
N LYS D 73 6.10 -2.93 -32.09
N LYS D 73 7.07 -4.16 -31.50
CA LYS D 73 6.84 -1.91 -32.82
CA LYS D 73 8.36 -4.75 -31.21
C LYS D 73 8.14 -1.55 -32.07
C LYS D 73 8.24 -6.25 -30.96
N MSE D 74 8.29 -2.09 -30.88
N MSE D 74 7.06 -6.70 -30.52
CA MSE D 74 9.53 -1.98 -30.14
CA MSE D 74 6.90 -8.03 -29.90
C MSE D 74 10.52 -3.08 -30.54
C MSE D 74 7.40 -9.20 -30.75
O MSE D 74 10.12 -4.16 -30.97
O MSE D 74 7.05 -9.34 -31.93
CB MSE D 74 9.25 -2.05 -28.64
CB MSE D 74 5.44 -8.29 -29.51
CG MSE D 74 8.84 -0.72 -28.02
CG MSE D 74 5.29 -8.70 -28.04
SE MSE D 74 10.38 0.34 -27.47
SE MSE D 74 3.78 -9.87 -27.63
CE MSE D 74 11.48 -1.16 -26.87
CE MSE D 74 2.35 -8.74 -28.27
N LYS D 75 8.22 -10.04 -30.11
CA LYS D 75 8.99 -11.06 -30.80
C LYS D 75 8.95 -12.41 -30.08
N ASP E 13 -27.01 13.47 -8.90
CA ASP E 13 -25.92 12.50 -8.99
C ASP E 13 -25.34 12.11 -7.63
N LEU E 14 -24.08 11.66 -7.63
CA LEU E 14 -23.41 11.27 -6.40
C LEU E 14 -22.72 12.48 -5.72
N PRO E 15 -22.53 12.40 -4.40
CA PRO E 15 -21.79 13.37 -3.58
C PRO E 15 -20.45 13.68 -4.20
N GLU E 16 -19.83 14.81 -3.86
CA GLU E 16 -18.66 15.21 -4.63
C GLU E 16 -17.43 14.80 -3.86
N GLU E 17 -16.27 15.02 -4.48
CA GLU E 17 -14.99 14.69 -3.87
C GLU E 17 -14.72 15.56 -2.64
N ARG E 18 -14.02 15.01 -1.66
CA ARG E 18 -13.62 15.77 -0.48
C ARG E 18 -12.13 15.65 -0.21
N HIS E 19 -11.57 16.67 0.42
CA HIS E 19 -10.13 16.74 0.62
C HIS E 19 -9.80 17.21 2.03
N MSE E 20 -8.77 16.62 2.63
CA MSE E 20 -8.33 17.00 3.97
C MSE E 20 -6.81 17.00 4.04
O MSE E 20 -6.18 15.98 3.75
CB MSE E 20 -8.91 16.08 5.02
CG MSE E 20 -9.29 16.77 6.30
SE MSE E 20 -9.37 15.44 7.73
CE MSE E 20 -7.62 14.71 7.44
N LYS E 21 -6.22 18.13 4.44
CA LYS E 21 -4.79 18.23 4.63
C LYS E 21 -4.42 18.16 6.11
N VAL E 22 -3.40 17.36 6.42
CA VAL E 22 -2.84 17.27 7.77
C VAL E 22 -1.35 16.96 7.71
N ASP E 23 -0.54 17.80 8.36
CA ASP E 23 0.91 17.63 8.40
C ASP E 23 1.51 17.49 6.99
N ASN E 24 2.14 16.34 6.75
CA ASN E 24 2.76 16.02 5.47
C ASN E 24 1.82 15.14 4.60
N LYS E 25 0.56 15.05 5.00
CA LYS E 25 -0.41 14.12 4.40
C LYS E 25 -1.71 14.71 3.83
N ASN E 26 -2.24 14.06 2.80
CA ASN E 26 -3.57 14.39 2.29
C ASN E 26 -4.49 13.20 2.37
N PHE E 27 -5.76 13.44 2.70
CA PHE E 27 -6.75 12.37 2.57
C PHE E 27 -7.74 12.79 1.51
N TYR E 28 -8.06 11.91 0.57
CA TYR E 28 -9.11 12.24 -0.42
C TYR E 28 -10.29 11.28 -0.28
N PHE E 29 -11.49 11.81 -0.52
CA PHE E 29 -12.72 11.02 -0.48
C PHE E 29 -13.47 11.13 -1.81
N ASP E 30 -13.68 10.02 -2.53
CA ASP E 30 -14.55 10.05 -3.72
C ASP E 30 -15.63 8.95 -3.63
N ILE E 31 -16.77 9.19 -4.24
CA ILE E 31 -17.87 8.22 -4.22
C ILE E 31 -17.99 7.45 -5.53
N GLY E 32 -18.24 6.15 -5.45
CA GLY E 32 -18.33 5.31 -6.64
C GLY E 32 -19.52 4.37 -6.64
N GLN E 33 -19.70 3.66 -7.74
CA GLN E 33 -20.87 2.82 -7.87
C GLN E 33 -20.58 1.58 -8.70
N ASN E 34 -21.04 0.44 -8.21
CA ASN E 34 -20.92 -0.84 -8.90
C ASN E 34 -22.24 -1.48 -9.14
N ASN E 35 -22.16 -2.69 -9.70
CA ASN E 35 -23.27 -3.61 -9.74
C ASN E 35 -23.61 -3.98 -8.29
N ARG E 36 -22.55 -4.05 -7.48
CA ARG E 36 -22.68 -4.37 -6.06
C ARG E 36 -23.21 -3.20 -5.20
N GLY E 37 -23.03 -1.97 -5.66
CA GLY E 37 -23.65 -0.85 -4.97
C GLY E 37 -22.77 0.37 -4.86
N VAL E 38 -23.13 1.28 -3.96
CA VAL E 38 -22.34 2.50 -3.85
C VAL E 38 -21.25 2.34 -2.79
N TYR E 39 -20.09 2.91 -3.06
CA TYR E 39 -18.99 2.80 -2.13
C TYR E 39 -18.28 4.14 -2.01
N MSE E 40 -17.54 4.28 -0.91
CA MSE E 40 -16.65 5.42 -0.71
C MSE E 40 -15.21 4.97 -0.87
O MSE E 40 -14.86 3.85 -0.46
CB MSE E 40 -16.86 6.04 0.67
CG MSE E 40 -16.06 7.30 0.93
SE MSE E 40 -15.99 7.78 2.83
CE MSE E 40 -17.90 7.94 3.18
N ARG E 41 -14.39 5.80 -1.47
CA ARG E 41 -12.95 5.55 -1.51
C ARG E 41 -12.18 6.62 -0.74
N ILE E 42 -11.40 6.16 0.24
CA ILE E 42 -10.54 7.04 1.02
C ILE E 42 -9.07 6.80 0.70
N SER E 43 -8.42 7.77 0.06
CA SER E 43 -7.00 7.62 -0.20
C SER E 43 -6.16 8.44 0.80
N GLU E 44 -5.03 7.87 1.19
CA GLU E 44 -4.04 8.55 2.01
C GLU E 44 -2.86 8.80 1.11
N VAL E 45 -2.45 10.06 1.03
CA VAL E 45 -1.40 10.46 0.11
C VAL E 45 -0.19 11.14 0.76
N LYS E 46 0.96 10.51 0.59
CA LYS E 46 2.20 11.07 1.09
C LYS E 46 3.34 10.72 0.16
N ASN E 47 4.31 11.63 0.05
CA ASN E 47 5.46 11.50 -0.86
C ASN E 47 5.11 10.89 -2.21
N ASN E 48 4.00 11.38 -2.76
CA ASN E 48 3.45 11.00 -4.05
C ASN E 48 3.04 9.52 -4.08
N PHE E 49 2.92 8.88 -2.92
CA PHE E 49 2.36 7.52 -2.82
C PHE E 49 0.88 7.65 -2.65
N ARG E 50 0.13 6.65 -3.07
CA ARG E 50 -1.31 6.74 -2.83
C ARG E 50 -1.69 5.38 -2.32
N THR E 51 -2.42 5.37 -1.22
CA THR E 51 -2.93 4.09 -0.76
C THR E 51 -4.41 4.28 -0.47
N SER E 52 -5.21 3.25 -0.68
CA SER E 52 -6.62 3.49 -0.57
C SER E 52 -7.38 2.33 0.02
N ILE E 53 -8.50 2.67 0.66
CA ILE E 53 -9.46 1.68 1.09
C ILE E 53 -10.84 2.03 0.54
N THR E 54 -11.67 1.01 0.41
CA THR E 54 -12.97 1.17 -0.19
C THR E 54 -14.01 0.67 0.80
N ILE E 55 -14.97 1.54 1.09
CA ILE E 55 -15.99 1.29 2.09
C ILE E 55 -17.38 1.33 1.49
N PRO E 56 -18.10 0.22 1.56
CA PRO E 56 -19.47 0.15 0.99
C PRO E 56 -20.44 1.00 1.79
N GLU E 57 -21.41 1.62 1.11
CA GLU E 57 -22.37 2.52 1.73
C GLU E 57 -23.00 1.93 2.99
N LYS E 58 -23.31 0.63 2.92
CA LYS E 58 -23.95 -0.08 4.02
C LYS E 58 -23.06 -0.12 5.27
N CYS E 59 -21.90 0.52 5.22
CA CYS E 59 -21.05 0.58 6.41
C CYS E 59 -20.69 2.00 6.79
N TRP E 60 -21.32 2.98 6.17
CA TRP E 60 -21.01 4.37 6.49
C TRP E 60 -21.43 4.80 7.92
N ILE E 61 -22.63 4.44 8.34
CA ILE E 61 -23.08 4.86 9.66
C ILE E 61 -22.22 4.19 10.74
N ARG E 62 -22.11 2.87 10.64
CA ARG E 62 -21.34 2.10 11.61
C ARG E 62 -19.94 2.69 11.75
N PHE E 63 -19.38 3.03 10.60
CA PHE E 63 -18.12 3.70 10.50
C PHE E 63 -18.14 5.04 11.24
N ARG E 64 -19.20 5.81 11.03
CA ARG E 64 -19.31 7.10 11.69
C ARG E 64 -19.35 6.88 13.20
N ASP E 65 -20.07 5.84 13.61
CA ASP E 65 -20.21 5.55 15.04
C ASP E 65 -18.87 5.18 15.64
N ILE E 66 -18.15 4.30 14.96
CA ILE E 66 -16.85 3.86 15.43
C ILE E 66 -15.90 5.05 15.61
N PHE E 67 -15.91 5.99 14.68
CA PHE E 67 -15.07 7.17 14.86
C PHE E 67 -15.54 7.92 16.08
N ASN E 68 -16.86 8.07 16.18
CA ASN E 68 -17.47 8.79 17.28
C ASN E 68 -17.14 8.14 18.62
N ASP E 69 -17.27 6.82 18.67
CA ASP E 69 -16.97 6.06 19.87
C ASP E 69 -15.51 6.25 20.26
N TYR E 70 -14.62 6.26 19.28
CA TYR E 70 -13.21 6.47 19.60
C TYR E 70 -13.00 7.85 20.17
N CYS E 71 -13.66 8.87 19.63
CA CYS E 71 -13.46 10.23 20.14
C CYS E 71 -14.01 10.40 21.55
N GLU E 72 -14.94 9.55 21.93
CA GLU E 72 -15.50 9.59 23.27
C GLU E 72 -14.54 8.88 24.19
N LYS E 73 -14.43 7.55 23.99
CA LYS E 73 -13.55 6.71 24.79
CA LYS E 73 -13.55 6.71 24.79
C LYS E 73 -12.18 7.33 24.99
N MSE E 74 -11.74 8.11 23.99
CA MSE E 74 -10.45 8.79 24.04
C MSE E 74 -10.35 9.71 25.25
O MSE E 74 -9.25 10.15 25.61
CB MSE E 74 -10.22 9.58 22.75
CG MSE E 74 -8.76 9.83 22.46
SE MSE E 74 -7.66 8.30 22.99
CE MSE E 74 -5.92 9.17 22.72
N LYS E 75 -11.49 10.02 25.87
CA LYS E 75 -11.49 11.02 26.94
C LYS E 75 -12.20 10.44 28.16
N LYS E 76 -11.43 9.98 29.14
CA LYS E 76 -12.02 9.43 30.35
C LYS E 76 -11.61 10.26 31.58
N ASP F 13 -4.85 3.17 29.62
CA ASP F 13 -4.53 2.60 28.31
C ASP F 13 -5.19 3.31 27.15
N LEU F 14 -4.82 2.87 25.95
CA LEU F 14 -5.42 3.35 24.71
C LEU F 14 -6.66 2.50 24.43
N PRO F 15 -7.62 3.09 23.70
CA PRO F 15 -8.84 2.43 23.24
C PRO F 15 -8.58 1.07 22.57
N GLU F 16 -9.60 0.24 22.53
CA GLU F 16 -9.41 -1.16 22.16
C GLU F 16 -9.58 -1.33 20.67
N GLU F 17 -8.92 -2.34 20.12
CA GLU F 17 -9.01 -2.66 18.70
C GLU F 17 -10.42 -3.09 18.35
N ARG F 18 -10.88 -2.74 17.16
CA ARG F 18 -12.21 -3.12 16.72
C ARG F 18 -12.13 -3.84 15.36
N HIS F 19 -13.08 -4.72 15.09
CA HIS F 19 -13.03 -5.63 13.95
C HIS F 19 -14.39 -5.76 13.25
N MSE F 20 -14.60 -5.03 12.16
CA MSE F 20 -15.87 -5.05 11.44
C MSE F 20 -15.79 -5.99 10.22
O MSE F 20 -14.77 -6.07 9.54
CB MSE F 20 -16.28 -3.63 11.02
CG MSE F 20 -17.51 -3.55 10.09
SE MSE F 20 -18.12 -1.75 9.54
CE MSE F 20 -17.06 -1.49 7.97
N LYS F 21 -16.87 -6.71 9.95
CA LYS F 21 -16.86 -7.63 8.83
C LYS F 21 -17.97 -7.31 7.84
N VAL F 22 -17.65 -7.35 6.54
CA VAL F 22 -18.63 -7.11 5.49
C VAL F 22 -18.31 -7.88 4.21
N ASP F 23 -19.28 -8.68 3.74
CA ASP F 23 -19.09 -9.50 2.53
C ASP F 23 -17.80 -10.34 2.57
N ASN F 24 -16.93 -10.11 1.60
CA ASN F 24 -15.64 -10.77 1.52
C ASN F 24 -14.52 -9.91 2.06
N LYS F 25 -14.89 -8.86 2.79
CA LYS F 25 -13.92 -7.85 3.24
C LYS F 25 -13.90 -7.75 4.75
N ASN F 26 -12.74 -7.40 5.31
CA ASN F 26 -12.62 -7.14 6.73
C ASN F 26 -12.07 -5.76 7.00
N PHE F 27 -12.61 -5.09 8.00
CA PHE F 27 -11.98 -3.86 8.42
C PHE F 27 -11.44 -3.99 9.83
N TYR F 28 -10.20 -3.55 10.03
CA TYR F 28 -9.62 -3.47 11.38
C TYR F 28 -9.31 -2.03 11.74
N PHE F 29 -9.49 -1.72 13.02
CA PHE F 29 -9.21 -0.41 13.62
C PHE F 29 -8.23 -0.55 14.78
N ASP F 30 -7.06 0.06 14.69
CA ASP F 30 -6.11 -0.02 15.82
C ASP F 30 -5.69 1.37 16.29
N ILE F 31 -5.52 1.53 17.60
CA ILE F 31 -5.03 2.81 18.13
C ILE F 31 -3.60 2.72 18.64
N GLY F 32 -2.77 3.71 18.27
CA GLY F 32 -1.37 3.75 18.61
C GLY F 32 -0.92 5.13 19.04
N GLN F 33 0.35 5.25 19.42
CA GLN F 33 0.89 6.52 19.95
C GLN F 33 2.33 6.82 19.51
N ASN F 34 2.56 8.07 19.17
CA ASN F 34 3.90 8.56 18.86
C ASN F 34 4.32 9.69 19.77
N ASN F 35 5.54 10.20 19.58
CA ASN F 35 5.92 11.43 20.24
C ASN F 35 5.04 12.52 19.68
N ARG F 36 4.73 12.38 18.39
CA ARG F 36 3.92 13.32 17.64
C ARG F 36 2.43 13.18 17.98
N GLY F 37 2.03 12.05 18.55
CA GLY F 37 0.70 11.92 19.10
C GLY F 37 0.06 10.59 18.83
N VAL F 38 -1.25 10.53 19.01
CA VAL F 38 -2.06 9.34 18.81
C VAL F 38 -2.63 9.33 17.38
N TYR F 39 -2.74 8.13 16.80
CA TYR F 39 -3.23 7.96 15.44
C TYR F 39 -4.12 6.72 15.38
N MSE F 40 -5.06 6.68 14.44
CA MSE F 40 -5.88 5.48 14.26
C MSE F 40 -5.53 4.76 12.97
O MSE F 40 -5.59 5.34 11.90
CB MSE F 40 -7.36 5.82 14.24
CG MSE F 40 -8.24 4.61 14.04
SE MSE F 40 -10.02 5.16 13.47
CE MSE F 40 -10.30 6.52 14.84
N ARG F 41 -5.16 3.48 13.09
CA ARG F 41 -4.84 2.69 11.92
C ARG F 41 -6.09 1.94 11.54
N ILE F 42 -6.52 2.16 10.30
CA ILE F 42 -7.63 1.45 9.74
C ILE F 42 -7.10 0.53 8.69
N SER F 43 -7.22 -0.77 8.92
CA SER F 43 -6.75 -1.69 7.90
C SER F 43 -7.92 -2.28 7.14
N GLU F 44 -7.73 -2.49 5.84
CA GLU F 44 -8.67 -3.26 5.03
C GLU F 44 -8.01 -4.58 4.58
N VAL F 45 -8.68 -5.69 4.91
CA VAL F 45 -8.15 -7.05 4.71
C VAL F 45 -9.01 -7.96 3.82
N LYS F 46 -8.37 -8.49 2.79
CA LYS F 46 -8.96 -9.38 1.79
C LYS F 46 -8.06 -10.62 1.68
N ASN F 47 -8.59 -11.75 1.23
CA ASN F 47 -7.82 -13.00 1.18
C ASN F 47 -6.37 -12.87 0.67
N ASN F 48 -6.11 -11.95 -0.26
CA ASN F 48 -4.77 -11.85 -0.78
C ASN F 48 -4.08 -10.49 -0.74
N PHE F 49 -4.58 -9.55 0.05
CA PHE F 49 -3.85 -8.30 0.29
C PHE F 49 -4.41 -7.60 1.51
N ARG F 50 -3.55 -6.73 2.06
CA ARG F 50 -3.87 -5.91 3.22
C ARG F 50 -3.33 -4.54 2.91
N THR F 51 -4.19 -3.53 3.09
CA THR F 51 -3.77 -2.16 2.93
C THR F 51 -4.36 -1.37 4.10
N SER F 52 -3.69 -0.29 4.49
CA SER F 52 -4.12 0.47 5.67
C SER F 52 -3.78 1.93 5.59
N ILE F 53 -4.55 2.72 6.33
CA ILE F 53 -4.24 4.12 6.52
C ILE F 53 -4.18 4.50 8.00
N THR F 54 -3.46 5.56 8.32
CA THR F 54 -3.31 5.98 9.71
C THR F 54 -3.74 7.41 9.85
N ILE F 55 -4.68 7.65 10.76
CA ILE F 55 -5.27 8.96 10.89
C ILE F 55 -4.96 9.53 12.25
N PRO F 56 -4.29 10.67 12.26
CA PRO F 56 -3.94 11.32 13.52
C PRO F 56 -5.17 11.84 14.26
N GLU F 57 -5.05 11.81 15.59
CA GLU F 57 -6.11 12.21 16.50
C GLU F 57 -6.68 13.59 16.20
N LYS F 58 -5.80 14.49 15.81
CA LYS F 58 -6.18 15.87 15.60
C LYS F 58 -7.19 16.07 14.49
N CYS F 59 -7.55 15.01 13.74
CA CYS F 59 -8.59 15.16 12.72
C CYS F 59 -9.62 14.03 12.69
N TRP F 60 -9.69 13.25 13.76
CA TRP F 60 -10.72 12.22 13.86
C TRP F 60 -12.12 12.82 13.77
N ILE F 61 -12.30 13.97 14.40
CA ILE F 61 -13.63 14.56 14.43
C ILE F 61 -14.07 14.88 13.02
N ARG F 62 -13.22 15.59 12.27
CA ARG F 62 -13.52 15.95 10.89
C ARG F 62 -13.84 14.67 10.15
N PHE F 63 -13.06 13.63 10.40
CA PHE F 63 -13.38 12.35 9.81
C PHE F 63 -14.79 11.94 10.24
N ARG F 64 -15.14 12.11 11.51
CA ARG F 64 -16.51 11.75 11.92
C ARG F 64 -17.53 12.54 11.10
N ASP F 65 -17.24 13.81 10.91
CA ASP F 65 -18.14 14.70 10.21
C ASP F 65 -18.29 14.40 8.73
N ILE F 66 -17.16 14.17 8.04
CA ILE F 66 -17.19 13.90 6.61
C ILE F 66 -18.02 12.67 6.34
N PHE F 67 -17.88 11.66 7.18
CA PHE F 67 -18.67 10.47 7.04
C PHE F 67 -20.13 10.84 7.21
N ASN F 68 -20.42 11.61 8.25
CA ASN F 68 -21.80 12.00 8.53
C ASN F 68 -22.37 12.83 7.40
N ASP F 69 -21.55 13.72 6.85
CA ASP F 69 -21.96 14.55 5.74
C ASP F 69 -22.33 13.67 4.55
N TYR F 70 -21.53 12.63 4.32
CA TYR F 70 -21.82 11.67 3.26
C TYR F 70 -23.09 10.88 3.58
N CYS F 71 -23.27 10.52 4.84
CA CYS F 71 -24.47 9.78 5.21
C CYS F 71 -25.69 10.65 5.07
N GLU F 72 -25.47 11.95 5.00
CA GLU F 72 -26.55 12.90 4.81
C GLU F 72 -26.89 12.88 3.33
N LYS F 73 -25.98 13.43 2.50
CA LYS F 73 -26.14 13.54 1.04
C LYS F 73 -26.74 12.33 0.30
N MSE F 74 -26.84 11.18 0.96
CA MSE F 74 -27.52 10.06 0.33
C MSE F 74 -28.97 9.96 0.85
O MSE F 74 -29.90 9.75 0.07
CB MSE F 74 -26.78 8.74 0.59
CG MSE F 74 -25.33 8.68 0.08
SE MSE F 74 -25.01 8.55 -1.87
CE MSE F 74 -25.79 6.78 -2.15
N LYS F 75 -29.16 10.13 2.15
CA LYS F 75 -30.49 9.95 2.73
C LYS F 75 -30.89 11.10 3.64
CL CL G . 12.32 2.50 24.98
CL CL H . -15.42 2.02 -25.25
#